data_2ARG
#
_entry.id   2ARG
#
_cell.length_a   1.000
_cell.length_b   1.000
_cell.length_c   1.000
_cell.angle_alpha   90.00
_cell.angle_beta   90.00
_cell.angle_gamma   90.00
#
_symmetry.space_group_name_H-M   'P 1'
#
loop_
_entity.id
_entity.type
_entity.pdbx_description
1 polymer "DNA APTAMER [5'-D (*TP*GP*AP*CP*CP*AP*GP*GP*GP*CP*AP*AP*AP*CP*GP*GP*TP*AP* GP*GP*TP*GP*AP*GP*TP*GP*GP*TP*CP*A)-3']"
2 non-polymer ARGININEAMIDE
#
_entity_poly.entity_id   1
_entity_poly.type   'polydeoxyribonucleotide'
_entity_poly.pdbx_seq_one_letter_code
;(DT)(DG)(DA)(DC)(DC)(DA)(DG)(DG)(DG)(DC)(DA)(DA)(DA)(DC)(DG)(DG)(DT)(DA)(DG)(DG)
(DT)(DG)(DA)(DG)(DT)(DG)(DG)(DT)(DC)(DA)
;
_entity_poly.pdbx_strand_id   A
#
loop_
_chem_comp.id
_chem_comp.type
_chem_comp.name
_chem_comp.formula
DA DNA linking 2'-DEOXYADENOSINE-5'-MONOPHOSPHATE 'C10 H14 N5 O6 P'
DC DNA linking 2'-DEOXYCYTIDINE-5'-MONOPHOSPHATE 'C9 H14 N3 O7 P'
DG DNA linking 2'-DEOXYGUANOSINE-5'-MONOPHOSPHATE 'C10 H14 N5 O7 P'
DT DNA linking THYMIDINE-5'-MONOPHOSPHATE 'C10 H15 N2 O8 P'
#
# COMPACT_ATOMS: atom_id res chain seq x y z
N AAR B . 0.48 3.91 -2.57
CA AAR B . 0.36 2.47 -2.37
CB AAR B . 1.68 1.94 -1.68
CG AAR B . 1.83 0.38 -1.47
CD AAR B . 3.10 -0.14 -0.73
NE AAR B . 4.34 0.30 -1.40
CZ AAR B . 5.54 0.64 -0.86
NH1 AAR B . 5.78 0.68 0.44
NH2 AAR B . 6.53 0.97 -1.65
C AAR B . -0.92 2.17 -1.57
O AAR B . -1.50 1.08 -1.66
NT AAR B . -1.46 3.07 -0.76
H2 AAR B . 1.06 4.44 -1.99
H AAR B . -0.02 4.35 -3.28
HA AAR B . 0.27 2.02 -3.36
HB2 AAR B . 1.75 2.43 -0.71
HB3 AAR B . 2.51 2.27 -2.29
HG2 AAR B . 1.81 -0.09 -2.44
HG3 AAR B . 0.98 0.02 -0.90
HD2 AAR B . 3.04 -1.21 -0.73
HD3 AAR B . 3.06 0.16 0.32
HE AAR B . 4.31 0.31 -2.37
HH11 AAR B . 5.04 0.47 1.09
HH12 AAR B . 6.68 0.92 0.78
HH21 AAR B . 6.43 0.98 -2.64
HH22 AAR B . 7.43 1.20 -1.27
HNT1 AAR B . -2.27 2.85 -0.28
HNT2 AAR B . -1.05 3.97 -0.67
N AAR B . -0.57 -3.22 0.93
CA AAR B . -0.95 -4.62 1.08
CB AAR B . 0.30 -5.51 0.72
CG AAR B . 0.11 -7.09 0.64
CD AAR B . 1.36 -7.95 0.34
NE AAR B . 2.02 -7.55 -0.94
CZ AAR B . 3.33 -7.51 -1.23
NH1 AAR B . 4.29 -7.80 -0.38
NH2 AAR B . 3.71 -7.13 -2.44
C AAR B . -1.50 -4.83 2.51
O AAR B . -2.20 -5.81 2.80
NT AAR B . -1.26 -3.97 3.49
H2 AAR B . 0.35 -2.93 1.12
H AAR B . -1.23 -2.56 0.64
HA AAR B . -1.75 -4.81 0.37
HB2 AAR B . 1.07 -5.28 1.45
HB3 AAR B . 0.64 -5.19 -0.25
HG2 AAR B . -0.63 -7.29 -0.11
HG3 AAR B . -0.28 -7.42 1.60
HD2 AAR B . 1.02 -8.97 0.27
HD3 AAR B . 2.04 -7.94 1.18
HE AAR B . 1.41 -7.29 -1.66
HH11 AAR B . 4.05 -8.06 0.56
HH12 AAR B . 5.24 -7.76 -0.65
HH21 AAR B . 3.03 -6.87 -3.14
HH22 AAR B . 4.67 -7.08 -2.69
HNT1 AAR B . -1.61 -4.14 4.38
HNT2 AAR B . -0.72 -3.16 3.31
N AAR B . -2.92 1.95 -11.26
CA AAR B . -3.55 2.36 -12.50
CB AAR B . -2.43 2.86 -13.51
CG AAR B . -1.34 1.85 -14.02
CD AAR B . -0.26 2.42 -14.98
NE AAR B . 0.39 3.63 -14.44
CZ AAR B . 1.68 3.84 -14.18
NH1 AAR B . 2.60 2.93 -14.39
NH2 AAR B . 2.04 5.02 -13.69
C AAR B . -4.41 1.22 -13.09
O AAR B . -5.37 1.46 -13.82
NT AAR B . -4.16 -0.05 -12.80
H2 AAR B . -3.35 2.17 -10.41
H AAR B . -2.07 1.44 -11.27
HA AAR B . -4.20 3.19 -12.28
HB2 AAR B . -1.91 3.65 -13.00
HB3 AAR B . -2.93 3.27 -14.38
HG2 AAR B . -1.85 1.05 -14.54
HG3 AAR B . -0.84 1.46 -13.14
HD2 AAR B . -0.72 2.69 -15.92
HD3 AAR B . 0.47 1.64 -15.17
HE AAR B . -0.21 4.39 -14.23
HH11 AAR B . 2.38 2.03 -14.75
HH12 AAR B . 3.56 3.13 -14.19
HH21 AAR B . 1.36 5.73 -13.51
HH22 AAR B . 3.00 5.22 -13.48
HNT1 AAR B . -3.39 -0.27 -12.23
HNT2 AAR B . -4.73 -0.75 -13.18
N AAR B . -0.32 3.53 0.39
CA AAR B . -0.76 2.14 0.44
CB AAR B . 0.52 1.22 0.36
CG AAR B . 0.35 -0.35 0.29
CD AAR B . 1.67 -1.19 0.31
NE AAR B . 2.54 -0.92 -0.84
CZ AAR B . 3.87 -1.08 -0.91
NH1 AAR B . 4.59 -1.51 0.11
NH2 AAR B . 4.47 -0.77 -2.03
C AAR B . -1.61 1.91 1.71
O AAR B . -2.46 1.02 1.77
NT AAR B . -1.44 2.69 2.79
H2 AAR B . -0.93 4.23 0.06
H AAR B . 0.57 3.78 0.71
HA AAR B . -1.37 1.96 -0.43
HB2 AAR B . 1.12 1.45 1.23
HB3 AAR B . 1.07 1.52 -0.51
HG2 AAR B . -0.20 -0.60 -0.61
HG3 AAR B . -0.23 -0.67 1.15
HD2 AAR B . 1.41 -2.24 0.28
HD3 AAR B . 2.19 -0.99 1.23
HE AAR B . 2.10 -0.61 -1.66
HH11 AAR B . 4.16 -1.72 0.98
HH12 AAR B . 5.59 -1.63 0.02
HH21 AAR B . 3.94 -0.42 -2.81
HH22 AAR B . 5.46 -0.88 -2.14
HNT1 AAR B . -1.99 2.52 3.57
HNT2 AAR B . -0.78 3.40 2.77
N AAR B . -0.67 4.90 3.09
CA AAR B . -1.27 3.56 3.08
CB AAR B . -0.13 2.54 2.68
CG AAR B . -0.54 1.01 2.50
CD AAR B . 0.59 0.01 2.09
NE AAR B . 1.22 0.44 0.82
CZ AAR B . 2.49 0.29 0.43
NH1 AAR B . 3.41 -0.27 1.17
NH2 AAR B . 2.84 0.74 -0.77
C AAR B . -1.93 3.28 4.44
O AAR B . -2.85 2.47 4.54
NT AAR B . -1.51 3.87 5.55
H2 AAR B . 0.28 5.01 3.32
H AAR B . -1.21 5.68 2.88
HA AAR B . -2.04 3.56 2.32
HB2 AAR B . 0.65 2.61 3.42
HB3 AAR B . 0.26 2.89 1.74
HG2 AAR B . -1.30 0.96 1.73
HG3 AAR B . -0.95 0.66 3.42
HD2 AAR B . 0.14 -0.95 1.98
HD3 AAR B . 1.29 -0.07 2.91
HE AAR B . 0.62 0.86 0.17
HH11 AAR B . 3.17 -0.61 2.07
HH12 AAR B . 4.35 -0.37 0.83
HH21 AAR B . 2.18 1.19 -1.37
HH22 AAR B . 3.77 0.64 -1.11
HNT1 AAR B . -1.96 3.66 6.39
HNT2 AAR B . -0.78 4.51 5.51
N AAR B . 1.32 4.14 2.73
CA AAR B . 0.83 2.77 2.58
CB AAR B . 2.02 1.89 2.05
CG AAR B . 1.75 0.37 1.69
CD AAR B . 2.97 -0.50 1.25
NE AAR B . 3.72 0.10 0.11
CZ AAR B . 5.05 0.12 -0.10
NH1 AAR B . 5.93 -0.37 0.74
NH2 AAR B . 5.52 0.66 -1.21
C AAR B . 0.26 2.27 3.94
O AAR B . -0.61 1.41 4.00
NT AAR B . 0.70 2.77 5.08
H2 AAR B . 0.70 4.88 2.87
H AAR B . 2.29 4.33 2.70
HA AAR B . 0.04 2.79 1.85
HB2 AAR B . 2.80 1.93 2.80
HB3 AAR B . 2.39 2.37 1.15
HG2 AAR B . 1.02 0.34 0.89
HG3 AAR B . 1.33 -0.12 2.55
HD2 AAR B . 2.58 -1.46 0.96
HD3 AAR B . 3.60 -0.70 2.12
HE AAR B . 3.19 0.51 -0.60
HH11 AAR B . 5.60 -0.74 1.61
HH12 AAR B . 6.91 -0.37 0.55
HH21 AAR B . 4.88 1.05 -1.88
HH22 AAR B . 6.49 0.69 -1.41
HNT1 AAR B . 0.32 2.43 5.92
HNT2 AAR B . 1.39 3.47 5.09
N AAR B . -4.96 2.23 1.05
CA AAR B . -5.40 0.86 1.20
CB AAR B . -4.12 -0.05 1.39
CG AAR B . -4.30 -1.62 1.41
CD AAR B . -3.00 -2.48 1.61
NE AAR B . -1.98 -2.20 0.57
CZ AAR B . -0.64 -2.16 0.71
NH1 AAR B . -0.02 -2.35 1.85
NH2 AAR B . 0.12 -1.89 -0.35
C AAR B . -6.41 0.78 2.38
O AAR B . -7.17 -0.18 2.51
NT AAR B . -6.50 1.76 3.26
H2 AAR B . -5.34 2.80 0.35
H AAR B . -4.29 2.61 1.65
HA AAR B . -5.91 0.58 0.28
HB2 AAR B . -3.64 0.26 2.30
HB3 AAR B . -3.46 0.19 0.56
HG2 AAR B . -4.74 -1.92 0.47
HG3 AAR B . -4.98 -1.88 2.21
HD2 AAR B . -3.32 -3.52 1.54
HD3 AAR B . -2.63 -2.37 2.62
HE AAR B . -2.33 -2.02 -0.32
HH11 AAR B . -0.54 -2.51 2.69
HH12 AAR B . 0.99 -2.33 1.89
HH21 AAR B . -0.27 -1.73 -1.25
HH22 AAR B . 1.11 -1.85 -0.26
HNT1 AAR B . -7.16 1.68 3.99
HNT2 AAR B . -5.93 2.55 3.19
N AAR B . -6.01 3.30 4.10
CA AAR B . -6.33 1.87 4.15
CB AAR B . -4.97 1.08 4.31
CG AAR B . -5.00 -0.50 4.33
CD AAR B . -3.61 -1.20 4.49
NE AAR B . -2.71 -0.95 3.34
CZ AAR B . -1.37 -1.04 3.33
NH1 AAR B . -0.67 -1.32 4.41
NH2 AAR B . -0.74 -0.81 2.21
C AAR B . -7.35 1.63 5.28
O AAR B . -8.23 0.77 5.17
NT AAR B . -7.33 2.34 6.40
H2 AAR B . -5.49 3.71 4.81
H AAR B . -6.30 3.85 3.35
HA AAR B . -6.80 1.61 3.20
HB2 AAR B . -4.52 1.43 5.23
HB3 AAR B . -4.34 1.40 3.48
HG2 AAR B . -5.44 -0.85 3.40
HG3 AAR B . -5.62 -0.82 5.15
HD2 AAR B . -3.78 -2.26 4.55
HD3 AAR B . -3.15 -0.89 5.41
HE AAR B . -3.13 -0.73 2.47
HH11 AAR B . -1.12 -1.48 5.29
HH12 AAR B . 0.33 -1.40 4.36
HH21 AAR B . -1.25 -0.58 1.38
HH22 AAR B . 0.26 -0.87 2.15
HNT1 AAR B . -7.99 2.15 7.10
HNT2 AAR B . -6.64 3.02 6.52
N AAR B . 0.44 1.33 5.65
CA AAR B . -0.21 0.05 5.39
CB AAR B . 0.86 -0.89 4.69
CG AAR B . 0.39 -2.34 4.27
CD AAR B . 1.46 -3.28 3.63
NE AAR B . 2.02 -2.70 2.39
CZ AAR B . 3.28 -2.79 1.90
NH1 AAR B . 4.26 -3.40 2.52
NH2 AAR B . 3.56 -2.22 0.74
C AAR B . -0.77 -0.51 6.72
O AAR B . -1.98 -0.66 6.87
NT AAR B . 0.02 -0.83 7.74
H2 AAR B . 1.24 1.38 6.21
H AAR B . 0.09 2.15 5.26
HA AAR B . -1.02 0.23 4.71
HB2 AAR B . 1.69 -0.99 5.37
HB3 AAR B . 1.21 -0.37 3.81
HG2 AAR B . -0.42 -2.24 3.55
HG3 AAR B . 0.01 -2.85 5.14
HD2 AAR B . 0.96 -4.21 3.42
HD3 AAR B . 2.22 -3.52 4.37
HE AAR B . 1.39 -2.20 1.83
HH11 AAR B . 4.12 -3.81 3.43
HH12 AAR B . 5.16 -3.46 2.09
HH21 AAR B . 2.86 -1.72 0.22
HH22 AAR B . 4.48 -2.27 0.36
HNT1 AAR B . -0.39 -1.16 8.57
HNT2 AAR B . 0.99 -0.73 7.65
#